data_3G1J
#
_entry.id   3G1J
#
_cell.length_a   121.043
_cell.length_b   121.043
_cell.length_c   27.014
_cell.angle_alpha   90.00
_cell.angle_beta   90.00
_cell.angle_gamma   120.00
#
_symmetry.space_group_name_H-M   'P 62'
#
loop_
_entity.id
_entity.type
_entity.pdbx_description
1 polymer 'Integron cassette protein'
2 water water
#
_entity_poly.entity_id   1
_entity_poly.type   'polypeptide(L)'
_entity_poly.pdbx_seq_one_letter_code
;GVDRDYLQSEYGVLKAGQCYKVVRSFRDYRNINYERGDV(MSE)RFLGSNFVPYESGLSLFFDKNGSERQI(MSE)LCVR
PEFQ(MSE)EIAHHLDSYFCKLDDN
;
_entity_poly.pdbx_strand_id   A,B
#
# COMPACT_ATOMS: atom_id res chain seq x y z
N GLY A 1 -6.38 -28.39 -5.72
CA GLY A 1 -6.37 -27.24 -4.83
C GLY A 1 -7.72 -27.01 -4.16
N VAL A 2 -8.04 -25.75 -3.91
CA VAL A 2 -9.30 -25.41 -3.27
C VAL A 2 -10.47 -26.03 -4.07
N ASP A 3 -11.50 -26.46 -3.35
CA ASP A 3 -12.69 -26.99 -4.00
C ASP A 3 -13.47 -25.82 -4.61
N ARG A 4 -13.45 -25.72 -5.93
CA ARG A 4 -14.08 -24.59 -6.63
C ARG A 4 -15.58 -24.48 -6.37
N ASP A 5 -16.22 -25.60 -6.09
CA ASP A 5 -17.66 -25.61 -5.87
C ASP A 5 -18.08 -24.81 -4.62
N TYR A 6 -17.12 -24.52 -3.73
CA TYR A 6 -17.40 -23.72 -2.55
C TYR A 6 -17.24 -22.23 -2.81
N LEU A 7 -16.68 -21.87 -3.96
CA LEU A 7 -16.34 -20.48 -4.22
C LEU A 7 -17.46 -19.68 -4.87
N GLN A 8 -17.52 -18.40 -4.52
CA GLN A 8 -18.39 -17.44 -5.17
C GLN A 8 -17.77 -17.07 -6.52
N SER A 9 -18.59 -17.09 -7.58
CA SER A 9 -18.05 -16.91 -8.92
C SER A 9 -17.72 -15.46 -9.30
N GLU A 10 -18.28 -14.50 -8.58
CA GLU A 10 -18.01 -13.09 -8.83
C GLU A 10 -17.78 -12.34 -7.54
N TYR A 11 -16.83 -11.42 -7.57
CA TYR A 11 -16.61 -10.51 -6.46
C TYR A 11 -16.23 -9.16 -7.03
N GLY A 12 -17.19 -8.24 -7.01
CA GLY A 12 -17.01 -6.95 -7.65
C GLY A 12 -16.62 -7.16 -9.09
N VAL A 13 -15.55 -6.50 -9.51
CA VAL A 13 -15.07 -6.56 -10.88
C VAL A 13 -14.49 -7.91 -11.28
N LEU A 14 -14.18 -8.75 -10.29
CA LEU A 14 -13.58 -10.05 -10.56
C LEU A 14 -14.64 -11.10 -10.91
N LYS A 15 -14.51 -11.68 -12.09
CA LYS A 15 -15.42 -12.71 -12.58
C LYS A 15 -14.64 -13.99 -12.89
N ALA A 16 -15.09 -15.11 -12.36
CA ALA A 16 -14.38 -16.38 -12.56
C ALA A 16 -14.17 -16.72 -14.03
N GLY A 17 -12.96 -17.10 -14.39
CA GLY A 17 -12.63 -17.47 -15.75
C GLY A 17 -12.04 -16.33 -16.56
N GLN A 18 -12.16 -15.11 -16.06
CA GLN A 18 -11.60 -13.95 -16.73
C GLN A 18 -10.18 -13.68 -16.26
N CYS A 19 -9.38 -13.08 -17.14
CA CYS A 19 -7.99 -12.75 -16.80
C CYS A 19 -7.84 -11.29 -16.44
N TYR A 20 -6.92 -11.01 -15.50
CA TYR A 20 -6.70 -9.65 -14.99
C TYR A 20 -5.21 -9.30 -14.95
N LYS A 21 -4.90 -8.05 -15.30
CA LYS A 21 -3.58 -7.49 -15.10
C LYS A 21 -3.55 -6.76 -13.76
N VAL A 22 -2.50 -6.95 -12.98
CA VAL A 22 -2.33 -6.14 -11.78
C VAL A 22 -1.92 -4.74 -12.20
N VAL A 23 -2.72 -3.73 -11.86
CA VAL A 23 -2.40 -2.36 -12.25
C VAL A 23 -1.87 -1.46 -11.13
N ARG A 24 -1.86 -1.98 -9.91
CA ARG A 24 -1.10 -1.35 -8.84
C ARG A 24 -0.52 -2.45 -7.98
N SER A 25 0.79 -2.41 -7.76
CA SER A 25 1.41 -3.44 -6.91
C SER A 25 0.77 -3.35 -5.55
N PHE A 26 0.58 -4.48 -4.89
CA PHE A 26 0.03 -4.47 -3.54
C PHE A 26 0.49 -5.70 -2.76
N ARG A 27 0.41 -5.59 -1.43
CA ARG A 27 0.77 -6.69 -0.55
C ARG A 27 -0.48 -7.17 0.16
N ASP A 28 -0.64 -8.48 0.26
CA ASP A 28 -1.82 -9.02 0.89
C ASP A 28 -1.65 -9.20 2.40
N TYR A 29 -2.64 -9.79 3.05
CA TYR A 29 -2.60 -9.96 4.49
C TYR A 29 -1.42 -10.82 4.95
N ARG A 30 -0.97 -11.70 4.06
CA ARG A 30 0.17 -12.58 4.34
C ARG A 30 1.46 -11.83 4.01
N ASN A 31 1.30 -10.54 3.72
CA ASN A 31 2.37 -9.66 3.25
C ASN A 31 3.07 -10.14 1.98
N ILE A 32 2.34 -10.87 1.14
CA ILE A 32 2.87 -11.26 -0.16
C ILE A 32 2.62 -10.12 -1.15
N ASN A 33 3.65 -9.76 -1.90
CA ASN A 33 3.54 -8.69 -2.90
C ASN A 33 3.10 -9.25 -4.25
N TYR A 34 2.12 -8.60 -4.87
CA TYR A 34 1.75 -8.90 -6.27
C TYR A 34 2.16 -7.69 -7.08
N GLU A 35 2.89 -7.94 -8.16
CA GLU A 35 3.59 -6.89 -8.88
C GLU A 35 2.80 -6.37 -10.06
N ARG A 36 2.76 -5.05 -10.20
CA ARG A 36 2.16 -4.44 -11.39
C ARG A 36 2.64 -5.14 -12.65
N GLY A 37 1.72 -5.45 -13.56
CA GLY A 37 2.05 -6.14 -14.79
C GLY A 37 1.76 -7.63 -14.75
N ASP A 38 1.69 -8.19 -13.55
CA ASP A 38 1.29 -9.58 -13.38
C ASP A 38 -0.07 -9.84 -13.98
N VAL A 39 -0.25 -11.00 -14.59
CA VAL A 39 -1.56 -11.39 -15.14
C VAL A 39 -2.00 -12.73 -14.55
N ARG A 41 -5.67 -15.45 -13.83
CA ARG A 41 -7.08 -15.74 -14.08
C ARG A 41 -7.86 -15.92 -12.78
N PHE A 42 -8.98 -15.19 -12.64
CA PHE A 42 -9.79 -15.32 -11.42
C PHE A 42 -10.51 -16.67 -11.35
N LEU A 43 -10.42 -17.32 -10.20
CA LEU A 43 -11.08 -18.60 -9.99
C LEU A 43 -12.35 -18.47 -9.13
N GLY A 44 -12.35 -17.50 -8.21
CA GLY A 44 -13.50 -17.29 -7.34
C GLY A 44 -13.07 -16.81 -5.97
N SER A 45 -14.03 -16.48 -5.11
CA SER A 45 -13.72 -15.92 -3.80
C SER A 45 -14.47 -16.61 -2.68
N ASN A 46 -13.99 -16.42 -1.47
CA ASN A 46 -14.72 -16.82 -0.28
C ASN A 46 -14.54 -15.80 0.82
N PHE A 47 -15.61 -15.48 1.55
CA PHE A 47 -15.52 -14.48 2.61
C PHE A 47 -15.92 -15.05 3.95
N VAL A 48 -15.03 -14.94 4.92
CA VAL A 48 -15.28 -15.39 6.29
C VAL A 48 -15.57 -14.17 7.17
N PRO A 49 -16.87 -13.88 7.38
CA PRO A 49 -17.35 -12.66 8.06
C PRO A 49 -16.72 -12.40 9.41
N TYR A 50 -16.50 -13.46 10.19
CA TYR A 50 -15.94 -13.31 11.52
C TYR A 50 -14.58 -12.61 11.48
N GLU A 51 -13.66 -13.14 10.68
CA GLU A 51 -12.30 -12.61 10.58
C GLU A 51 -12.20 -11.45 9.58
N SER A 52 -13.31 -11.13 8.93
CA SER A 52 -13.28 -10.24 7.78
C SER A 52 -12.24 -10.77 6.79
N GLY A 53 -12.20 -12.09 6.65
CA GLY A 53 -11.18 -12.74 5.83
C GLY A 53 -11.64 -13.04 4.43
N LEU A 54 -11.23 -12.20 3.48
CA LEU A 54 -11.57 -12.40 2.07
C LEU A 54 -10.46 -13.15 1.33
N SER A 55 -10.80 -14.28 0.72
CA SER A 55 -9.84 -14.99 -0.10
C SER A 55 -10.19 -14.80 -1.57
N LEU A 56 -9.22 -14.34 -2.35
CA LEU A 56 -9.38 -14.25 -3.79
C LEU A 56 -8.47 -15.27 -4.43
N PHE A 57 -9.05 -16.29 -5.07
CA PHE A 57 -8.26 -17.34 -5.69
C PHE A 57 -8.01 -17.06 -7.17
N PHE A 58 -6.75 -17.21 -7.57
CA PHE A 58 -6.36 -16.92 -8.95
C PHE A 58 -5.49 -18.06 -9.45
N ASP A 59 -5.47 -18.25 -10.76
CA ASP A 59 -4.45 -19.08 -11.38
C ASP A 59 -3.34 -18.17 -11.91
N LYS A 60 -2.09 -18.49 -11.60
CA LYS A 60 -0.96 -17.80 -12.19
C LYS A 60 0.01 -18.83 -12.78
N ASN A 61 0.15 -18.79 -14.10
CA ASN A 61 0.97 -19.78 -14.82
C ASN A 61 0.71 -21.21 -14.35
N GLY A 62 -0.55 -21.52 -14.10
CA GLY A 62 -0.95 -22.90 -13.82
C GLY A 62 -0.94 -23.26 -12.34
N SER A 63 -0.47 -22.32 -11.52
CA SER A 63 -0.40 -22.53 -10.08
C SER A 63 -1.47 -21.70 -9.37
N GLU A 64 -2.13 -22.32 -8.42
CA GLU A 64 -3.20 -21.67 -7.67
C GLU A 64 -2.62 -20.74 -6.61
N ARG A 65 -3.06 -19.49 -6.64
CA ARG A 65 -2.66 -18.53 -5.64
C ARG A 65 -3.89 -18.10 -4.82
N GLN A 66 -3.74 -18.10 -3.49
CA GLN A 66 -4.80 -17.61 -2.62
C GLN A 66 -4.38 -16.23 -2.11
N ILE A 67 -5.05 -15.18 -2.58
CA ILE A 67 -4.76 -13.84 -2.08
C ILE A 67 -5.66 -13.53 -0.91
N LEU A 69 -7.08 -11.21 2.01
CA LEU A 69 -7.22 -9.81 2.38
C LEU A 69 -8.09 -9.69 3.64
N CYS A 70 -7.59 -9.02 4.66
CA CYS A 70 -8.41 -8.73 5.83
C CYS A 70 -9.17 -7.43 5.56
N VAL A 71 -10.49 -7.53 5.43
CA VAL A 71 -11.29 -6.38 5.00
C VAL A 71 -11.63 -5.46 6.17
N ARG A 72 -10.60 -4.78 6.65
CA ARG A 72 -10.74 -3.80 7.72
C ARG A 72 -9.89 -2.60 7.33
N PRO A 73 -10.27 -1.41 7.80
CA PRO A 73 -9.64 -0.16 7.36
C PRO A 73 -8.14 -0.17 7.58
N GLU A 74 -7.70 -0.74 8.69
CA GLU A 74 -6.29 -0.69 9.06
C GLU A 74 -5.47 -1.76 8.35
N PHE A 75 -6.16 -2.67 7.66
CA PHE A 75 -5.48 -3.72 6.90
C PHE A 75 -5.69 -3.59 5.39
N GLN A 76 -6.59 -4.39 4.81
CA GLN A 76 -6.72 -4.38 3.36
C GLN A 76 -8.10 -4.05 2.79
N GLU A 78 -8.85 -1.26 1.84
CA GLU A 78 -8.42 -0.45 0.69
C GLU A 78 -8.42 -1.25 -0.61
N ILE A 79 -7.91 -2.47 -0.56
CA ILE A 79 -7.80 -3.28 -1.77
C ILE A 79 -9.15 -3.91 -2.12
N ALA A 80 -9.75 -4.56 -1.12
CA ALA A 80 -11.03 -5.25 -1.30
C ALA A 80 -12.14 -4.32 -1.78
N HIS A 81 -12.11 -3.07 -1.32
CA HIS A 81 -13.13 -2.08 -1.61
C HIS A 81 -12.86 -1.24 -2.87
N HIS A 82 -11.69 -1.41 -3.45
CA HIS A 82 -11.31 -0.67 -4.64
C HIS A 82 -10.58 -1.56 -5.63
N LEU A 83 -11.18 -2.71 -5.96
CA LEU A 83 -10.48 -3.70 -6.76
C LEU A 83 -10.04 -3.20 -8.14
N ASP A 84 -10.79 -2.23 -8.68
CA ASP A 84 -10.42 -1.67 -9.98
C ASP A 84 -9.17 -0.77 -9.94
N SER A 85 -8.69 -0.45 -8.74
CA SER A 85 -7.42 0.25 -8.59
C SER A 85 -6.27 -0.76 -8.73
N TYR A 86 -6.57 -2.04 -8.58
CA TYR A 86 -5.57 -3.09 -8.46
C TYR A 86 -5.60 -4.10 -9.60
N PHE A 87 -6.80 -4.35 -10.11
CA PHE A 87 -6.99 -5.32 -11.17
C PHE A 87 -7.71 -4.69 -12.35
N CYS A 88 -7.18 -4.95 -13.54
CA CYS A 88 -7.85 -4.55 -14.77
C CYS A 88 -8.08 -5.77 -15.66
N LYS A 89 -9.32 -5.94 -16.11
CA LYS A 89 -9.67 -7.05 -16.98
C LYS A 89 -8.81 -7.07 -18.26
N LEU A 90 -8.49 -8.27 -18.73
CA LEU A 90 -7.63 -8.48 -19.91
C LEU A 90 -6.16 -8.48 -19.54
N ARG B 4 12.61 9.06 20.54
CA ARG B 4 12.53 8.20 19.36
C ARG B 4 13.91 7.69 18.98
N ASP B 5 14.59 7.07 19.93
CA ASP B 5 15.94 6.56 19.73
C ASP B 5 15.96 5.41 18.72
N TYR B 6 14.85 4.68 18.64
CA TYR B 6 14.73 3.55 17.73
C TYR B 6 14.50 4.02 16.29
N LEU B 7 14.16 5.28 16.12
CA LEU B 7 14.02 5.84 14.79
C LEU B 7 15.35 6.45 14.36
N GLN B 8 15.57 6.49 13.06
CA GLN B 8 16.75 7.15 12.52
C GLN B 8 16.49 8.65 12.62
N SER B 9 17.40 9.37 13.26
CA SER B 9 17.15 10.77 13.60
C SER B 9 17.27 11.73 12.42
N GLU B 10 18.03 11.34 11.40
CA GLU B 10 18.14 12.13 10.19
C GLU B 10 17.75 11.30 8.99
N TYR B 11 17.10 11.92 8.02
CA TYR B 11 16.91 11.30 6.71
C TYR B 11 16.90 12.38 5.63
N GLY B 12 18.00 12.49 4.89
CA GLY B 12 18.16 13.55 3.91
C GLY B 12 18.09 14.89 4.61
N VAL B 13 17.25 15.78 4.11
CA VAL B 13 17.07 17.11 4.67
C VAL B 13 16.34 17.10 6.01
N LEU B 14 15.61 16.02 6.27
CA LEU B 14 14.77 15.89 7.45
C LEU B 14 15.58 15.59 8.72
N LYS B 15 15.40 16.44 9.74
CA LYS B 15 16.14 16.33 10.98
C LYS B 15 15.18 16.27 12.16
N ALA B 16 15.31 15.25 12.99
CA ALA B 16 14.42 15.07 14.14
C ALA B 16 14.33 16.32 15.01
N GLY B 17 13.10 16.67 15.41
CA GLY B 17 12.87 17.83 16.25
C GLY B 17 12.61 19.13 15.49
N GLN B 18 12.92 19.13 14.20
CA GLN B 18 12.77 20.33 13.37
C GLN B 18 11.41 20.35 12.66
N CYS B 19 10.86 21.54 12.47
CA CYS B 19 9.60 21.70 11.76
C CYS B 19 9.79 21.95 10.27
N TYR B 20 8.95 21.32 9.46
CA TYR B 20 9.03 21.45 8.01
C TYR B 20 7.69 21.86 7.44
N LYS B 21 7.74 22.59 6.33
CA LYS B 21 6.55 22.95 5.61
C LYS B 21 6.57 22.16 4.31
N VAL B 22 5.43 21.60 3.93
CA VAL B 22 5.33 20.92 2.65
C VAL B 22 5.35 21.94 1.51
N VAL B 23 6.27 21.77 0.56
CA VAL B 23 6.34 22.72 -0.55
C VAL B 23 5.96 22.12 -1.91
N ARG B 24 5.71 20.81 -1.94
CA ARG B 24 5.09 20.19 -3.11
C ARG B 24 4.07 19.16 -2.67
N SER B 25 2.79 19.39 -3.00
CA SER B 25 1.74 18.46 -2.58
C SER B 25 2.04 17.05 -3.11
N PHE B 26 1.79 16.03 -2.30
CA PHE B 26 2.06 14.68 -2.77
C PHE B 26 1.16 13.66 -2.10
N ARG B 27 1.05 12.48 -2.71
CA ARG B 27 0.30 11.35 -2.16
C ARG B 27 1.28 10.34 -1.59
N ASP B 28 0.97 9.75 -0.44
CA ASP B 28 1.79 8.62 0.01
C ASP B 28 1.19 7.27 -0.37
N TYR B 29 1.82 6.20 0.09
CA TYR B 29 1.44 4.84 -0.29
C TYR B 29 0.03 4.47 0.17
N ARG B 30 -0.45 5.11 1.23
CA ARG B 30 -1.81 4.88 1.72
C ARG B 30 -2.81 5.88 1.19
N ASN B 31 -2.43 6.56 0.10
CA ASN B 31 -3.28 7.52 -0.59
C ASN B 31 -3.57 8.80 0.19
N ILE B 32 -2.82 9.03 1.27
CA ILE B 32 -2.99 10.25 2.04
C ILE B 32 -2.36 11.44 1.30
N ASN B 33 -3.15 12.50 1.16
CA ASN B 33 -2.71 13.71 0.49
C ASN B 33 -2.04 14.63 1.50
N TYR B 34 -0.79 15.00 1.23
CA TYR B 34 -0.11 16.03 2.01
C TYR B 34 -0.03 17.30 1.18
N GLU B 35 -0.71 18.34 1.64
CA GLU B 35 -0.87 19.60 0.91
C GLU B 35 0.28 20.55 1.12
N ARG B 36 0.67 21.24 0.05
CA ARG B 36 1.59 22.37 0.17
C ARG B 36 1.08 23.35 1.22
N GLY B 37 1.93 23.71 2.17
CA GLY B 37 1.52 24.59 3.26
C GLY B 37 1.39 23.87 4.59
N ASP B 38 1.28 22.55 4.55
CA ASP B 38 1.18 21.75 5.77
C ASP B 38 2.48 21.85 6.56
N VAL B 39 2.35 22.06 7.86
CA VAL B 39 3.51 22.14 8.73
C VAL B 39 3.52 21.00 9.74
N ARG B 41 6.34 18.53 12.45
CA ARG B 41 7.65 18.35 13.08
C ARG B 41 8.18 16.93 12.84
N PHE B 42 9.37 16.81 12.26
CA PHE B 42 9.94 15.51 11.97
C PHE B 42 10.39 14.77 13.23
N LEU B 43 10.04 13.49 13.34
CA LEU B 43 10.37 12.68 14.51
C LEU B 43 11.48 11.66 14.24
N GLY B 44 11.54 11.18 13.00
CA GLY B 44 12.51 10.17 12.65
C GLY B 44 11.95 9.21 11.60
N SER B 45 12.78 8.33 11.10
CA SER B 45 12.37 7.44 10.03
C SER B 45 12.64 5.99 10.38
N ASN B 46 11.99 5.11 9.65
CA ASN B 46 12.32 3.70 9.69
C ASN B 46 12.13 3.11 8.30
N PHE B 47 13.03 2.21 7.93
CA PHE B 47 13.01 1.61 6.60
C PHE B 47 12.84 0.11 6.76
N VAL B 48 11.88 -0.46 6.04
CA VAL B 48 11.69 -1.91 6.03
C VAL B 48 12.17 -2.42 4.68
N PRO B 49 13.35 -3.05 4.67
CA PRO B 49 14.04 -3.40 3.42
C PRO B 49 13.25 -4.32 2.51
N TYR B 50 12.59 -5.33 3.06
CA TYR B 50 11.91 -6.32 2.22
C TYR B 50 10.81 -5.66 1.38
N GLU B 51 10.18 -4.63 1.95
CA GLU B 51 9.06 -3.95 1.30
C GLU B 51 9.46 -2.63 0.66
N SER B 52 10.72 -2.25 0.78
CA SER B 52 11.14 -0.91 0.39
C SER B 52 10.23 0.14 1.05
N GLY B 53 9.84 -0.13 2.30
CA GLY B 53 8.89 0.72 2.98
C GLY B 53 9.55 1.74 3.88
N LEU B 54 9.55 2.99 3.44
CA LEU B 54 10.14 4.05 4.22
C LEU B 54 9.05 4.81 4.96
N SER B 55 9.08 4.72 6.28
CA SER B 55 8.15 5.49 7.09
C SER B 55 8.84 6.76 7.58
N LEU B 56 8.27 7.91 7.24
CA LEU B 56 8.69 9.18 7.81
C LEU B 56 7.66 9.59 8.85
N PHE B 57 8.06 9.58 10.12
CA PHE B 57 7.17 9.93 11.21
C PHE B 57 7.24 11.41 11.50
N PHE B 58 6.08 12.04 11.53
CA PHE B 58 5.97 13.44 11.89
C PHE B 58 4.94 13.59 12.99
N ASP B 59 5.02 14.70 13.71
CA ASP B 59 3.96 15.13 14.58
C ASP B 59 3.19 16.25 13.90
N LYS B 60 1.88 16.09 13.78
CA LYS B 60 1.03 17.18 13.28
C LYS B 60 -0.07 17.51 14.29
N ASN B 61 -0.04 18.73 14.81
CA ASN B 61 -1.03 19.16 15.79
C ASN B 61 -1.22 18.15 16.92
N GLY B 62 -0.12 17.63 17.45
CA GLY B 62 -0.19 16.77 18.63
C GLY B 62 -0.29 15.28 18.41
N SER B 63 -0.48 14.85 17.15
CA SER B 63 -0.58 13.42 16.88
C SER B 63 0.45 12.95 15.86
N GLU B 64 1.05 11.80 16.13
CA GLU B 64 2.06 11.24 15.23
C GLU B 64 1.43 10.71 13.94
N ARG B 65 2.00 11.12 12.82
CA ARG B 65 1.60 10.62 11.51
C ARG B 65 2.71 9.79 10.90
N GLN B 66 2.33 8.71 10.24
CA GLN B 66 3.28 7.87 9.51
C GLN B 66 3.12 8.16 8.04
N ILE B 67 4.09 8.87 7.46
CA ILE B 67 4.07 9.08 6.03
C ILE B 67 4.77 7.91 5.36
N LEU B 69 6.20 5.88 2.46
CA LEU B 69 6.79 6.02 1.13
C LEU B 69 7.38 4.70 0.66
N CYS B 70 6.76 4.09 -0.35
CA CYS B 70 7.32 2.89 -0.93
C CYS B 70 8.38 3.30 -1.95
N VAL B 71 9.62 2.97 -1.66
CA VAL B 71 10.72 3.50 -2.45
C VAL B 71 10.94 2.68 -3.71
N ARG B 72 9.99 2.81 -4.64
CA ARG B 72 10.04 2.16 -5.95
C ARG B 72 9.44 3.15 -6.95
N PRO B 73 9.87 3.08 -8.22
CA PRO B 73 9.47 4.06 -9.25
C PRO B 73 7.96 4.17 -9.41
N GLU B 74 7.25 3.06 -9.24
CA GLU B 74 5.81 3.05 -9.36
C GLU B 74 5.15 3.94 -8.33
N PHE B 75 5.80 4.07 -7.18
CA PHE B 75 5.22 4.71 -6.01
C PHE B 75 5.94 6.00 -5.64
N GLN B 76 6.69 5.98 -4.54
CA GLN B 76 7.22 7.22 -3.98
C GLN B 76 8.74 7.38 -4.01
N GLU B 78 10.55 8.90 -6.30
CA GLU B 78 10.83 10.30 -6.64
C GLU B 78 10.84 11.20 -5.39
N ILE B 79 9.85 11.01 -4.52
CA ILE B 79 9.77 11.76 -3.26
C ILE B 79 10.91 11.43 -2.29
N ALA B 80 11.10 10.14 -2.02
CA ALA B 80 12.16 9.68 -1.13
C ALA B 80 13.55 10.14 -1.55
N HIS B 81 13.78 10.21 -2.85
CA HIS B 81 15.09 10.54 -3.39
C HIS B 81 15.32 12.04 -3.59
N HIS B 82 14.29 12.85 -3.33
CA HIS B 82 14.38 14.30 -3.56
C HIS B 82 13.56 15.04 -2.52
N LEU B 83 13.82 14.77 -1.24
CA LEU B 83 12.96 15.27 -0.18
C LEU B 83 12.93 16.79 -0.09
N ASP B 84 14.01 17.45 -0.50
CA ASP B 84 14.01 18.92 -0.47
C ASP B 84 13.13 19.55 -1.56
N SER B 85 12.61 18.74 -2.48
CA SER B 85 11.60 19.23 -3.41
C SER B 85 10.21 19.24 -2.75
N TYR B 86 10.08 18.56 -1.61
CA TYR B 86 8.78 18.36 -0.98
C TYR B 86 8.69 18.97 0.41
N PHE B 87 9.83 19.09 1.07
CA PHE B 87 9.89 19.59 2.44
C PHE B 87 10.92 20.70 2.56
N CYS B 88 10.52 21.79 3.19
CA CYS B 88 11.43 22.89 3.50
C CYS B 88 11.47 23.19 4.99
N LYS B 89 12.65 23.33 5.52
CA LYS B 89 12.83 23.70 6.91
C LYS B 89 12.04 24.97 7.25
N LEU B 90 11.28 24.92 8.33
CA LEU B 90 10.36 25.98 8.77
C LEU B 90 8.92 25.87 8.33
#